data_3W6Z
#
_entry.id   3W6Z
#
_cell.length_a   120.996
_cell.length_b   57.348
_cell.length_c   56.393
_cell.angle_alpha   90.00
_cell.angle_beta   106.73
_cell.angle_gamma   90.00
#
_symmetry.space_group_name_H-M   'C 1 2 1'
#
loop_
_entity.id
_entity.type
_entity.pdbx_description
1 polymer '6-phosphogluconate dehydrogenase, NAD-binding protein'
2 non-polymer 'NADP NICOTINAMIDE-ADENINE-DINUCLEOTIDE PHOSPHATE'
3 water water
#
_entity_poly.entity_id   1
_entity_poly.type   'polypeptide(L)'
_entity_poly.pdbx_seq_one_letter_code
;MGSSHHHHHHSSGLVPRGSHMRVGFIGLGIMGGPMATHLLKAGFLAAVYNRTREKTKPFAEAGVYVAESPADLAKRVDVV
IVMVSDAPDVEQVLFGPSGVVEGARPGLIVVDMSTNSPDWARKFAERLAQYGIEFLDAPVTGGQKGAIEGTLTIMVGGKE
ELFHRLLPIFKAMGRDIVYMGPVGYGQAMMLVNQVVVALNTVAMVEGLKLAKALGLDMDKVAEVLTRGAARSGAIELYLP
KLLKGDLSPGFKAEHLKKDLGYVLEEARKRGVKLPGAELAYELYRKMVEDGAGSLGIHALGFYKSS
;
_entity_poly.pdbx_strand_id   A
#
loop_
_chem_comp.id
_chem_comp.type
_chem_comp.name
_chem_comp.formula
NAP non-polymer 'NADP NICOTINAMIDE-ADENINE-DINUCLEOTIDE PHOSPHATE' 'C21 H28 N7 O17 P3'
#
# COMPACT_ATOMS: atom_id res chain seq x y z
N HIS A 8 -28.37 4.38 -15.02
CA HIS A 8 -28.78 3.12 -15.59
C HIS A 8 -28.47 2.02 -14.60
N HIS A 9 -29.32 1.02 -14.54
CA HIS A 9 -28.94 -0.25 -13.94
C HIS A 9 -28.13 -1.12 -14.89
N HIS A 10 -27.46 -2.13 -14.33
CA HIS A 10 -26.46 -2.96 -15.04
C HIS A 10 -26.67 -4.44 -14.85
N SER A 11 -26.10 -5.26 -15.71
CA SER A 11 -26.27 -6.70 -15.53
C SER A 11 -25.48 -7.26 -14.36
N SER A 12 -25.83 -8.50 -13.99
CA SER A 12 -25.13 -9.18 -12.92
C SER A 12 -23.64 -9.39 -13.21
N GLY A 13 -22.86 -9.41 -12.15
CA GLY A 13 -21.39 -9.63 -12.32
C GLY A 13 -20.98 -10.83 -11.45
N LEU A 14 -19.66 -10.97 -11.17
CA LEU A 14 -19.19 -12.11 -10.44
C LEU A 14 -19.71 -12.26 -9.05
N VAL A 15 -20.16 -11.14 -8.40
CA VAL A 15 -20.51 -11.17 -6.98
C VAL A 15 -21.94 -10.69 -6.90
N PRO A 16 -22.80 -11.43 -6.12
CA PRO A 16 -24.20 -11.03 -6.08
C PRO A 16 -24.43 -9.62 -5.51
N ARG A 17 -25.33 -8.87 -6.11
CA ARG A 17 -25.70 -7.54 -5.64
C ARG A 17 -26.17 -7.56 -4.19
N GLY A 18 -26.91 -8.59 -3.83
CA GLY A 18 -27.47 -8.71 -2.51
C GLY A 18 -26.51 -8.94 -1.39
N SER A 19 -25.27 -9.32 -1.68
CA SER A 19 -24.25 -9.44 -0.69
C SER A 19 -23.89 -8.05 -0.09
N HIS A 20 -24.03 -7.00 -0.89
CA HIS A 20 -23.53 -5.64 -0.62
C HIS A 20 -22.03 -5.66 -0.38
N MET A 21 -21.31 -6.67 -0.93
CA MET A 21 -19.91 -6.78 -0.67
C MET A 21 -19.17 -7.01 -2.02
N ARG A 22 -19.75 -6.51 -3.09
CA ARG A 22 -19.06 -6.48 -4.38
C ARG A 22 -17.88 -5.50 -4.31
N VAL A 23 -16.69 -5.96 -4.61
CA VAL A 23 -15.43 -5.10 -4.55
C VAL A 23 -14.98 -4.77 -5.96
N GLY A 24 -14.67 -3.51 -6.17
CA GLY A 24 -13.89 -3.08 -7.32
C GLY A 24 -12.52 -2.67 -6.86
N PHE A 25 -11.45 -3.06 -7.58
CA PHE A 25 -10.06 -2.79 -7.13
C PHE A 25 -9.35 -1.94 -8.15
N ILE A 26 -8.80 -0.83 -7.71
CA ILE A 26 -8.10 0.11 -8.56
C ILE A 26 -6.64 0.13 -8.16
N GLY A 27 -5.77 -0.23 -9.18
CA GLY A 27 -4.28 -0.20 -9.00
C GLY A 27 -3.72 -1.56 -8.85
N LEU A 28 -3.35 -2.20 -9.93
CA LEU A 28 -2.89 -3.59 -9.93
C LEU A 28 -1.36 -3.59 -9.99
N GLY A 29 -0.71 -3.04 -9.00
CA GLY A 29 0.75 -2.95 -8.97
C GLY A 29 1.41 -4.12 -8.26
N ILE A 30 2.60 -3.90 -7.71
CA ILE A 30 3.28 -4.97 -6.96
C ILE A 30 2.42 -5.49 -5.83
N MET A 31 1.75 -4.57 -5.10
CA MET A 31 0.82 -4.96 -3.98
C MET A 31 -0.58 -5.23 -4.52
N GLY A 32 -1.08 -4.37 -5.39
CA GLY A 32 -2.52 -4.51 -5.77
C GLY A 32 -2.78 -5.74 -6.54
N GLY A 33 -1.91 -6.22 -7.43
CA GLY A 33 -2.21 -7.47 -8.17
C GLY A 33 -2.45 -8.64 -7.20
N PRO A 34 -1.53 -8.98 -6.30
CA PRO A 34 -1.76 -10.09 -5.41
C PRO A 34 -2.96 -9.85 -4.45
N MET A 35 -3.12 -8.62 -3.96
CA MET A 35 -4.25 -8.33 -3.07
C MET A 35 -5.57 -8.59 -3.83
N ALA A 36 -5.73 -8.06 -5.03
CA ALA A 36 -6.96 -8.31 -5.80
C ALA A 36 -7.08 -9.78 -6.07
N THR A 37 -6.00 -10.50 -6.36
CA THR A 37 -6.16 -11.94 -6.61
C THR A 37 -6.71 -12.63 -5.34
N HIS A 38 -6.25 -12.24 -4.18
CA HIS A 38 -6.83 -12.77 -2.96
C HIS A 38 -8.32 -12.49 -2.77
N LEU A 39 -8.76 -11.30 -3.12
CA LEU A 39 -10.16 -11.00 -3.07
C LEU A 39 -10.92 -11.82 -4.07
N LEU A 40 -10.38 -12.09 -5.23
CA LEU A 40 -11.04 -12.99 -6.25
C LEU A 40 -11.15 -14.39 -5.69
N LYS A 41 -10.11 -14.91 -5.08
CA LYS A 41 -10.14 -16.31 -4.51
C LYS A 41 -11.22 -16.35 -3.44
N ALA A 42 -11.41 -15.28 -2.65
CA ALA A 42 -12.42 -15.28 -1.60
C ALA A 42 -13.80 -14.97 -2.06
N GLY A 43 -14.02 -14.60 -3.32
CA GLY A 43 -15.32 -14.37 -3.82
C GLY A 43 -15.88 -12.99 -3.66
N PHE A 44 -15.00 -12.01 -3.45
CA PHE A 44 -15.41 -10.61 -3.32
C PHE A 44 -15.14 -9.73 -4.53
N LEU A 45 -14.25 -10.16 -5.40
CA LEU A 45 -13.83 -9.30 -6.52
C LEU A 45 -14.78 -9.36 -7.68
N ALA A 46 -15.35 -8.22 -8.01
CA ALA A 46 -16.23 -8.10 -9.16
C ALA A 46 -15.53 -7.40 -10.30
N ALA A 47 -14.68 -6.43 -10.04
CA ALA A 47 -14.22 -5.56 -11.15
C ALA A 47 -12.87 -5.03 -10.76
N VAL A 48 -12.08 -4.71 -11.82
CA VAL A 48 -10.75 -4.03 -11.64
C VAL A 48 -10.62 -2.90 -12.60
N TYR A 49 -9.78 -1.94 -12.22
CA TYR A 49 -9.38 -0.87 -13.12
C TYR A 49 -7.87 -0.72 -12.95
N ASN A 50 -7.16 -0.65 -14.07
CA ASN A 50 -5.77 -0.24 -14.04
C ASN A 50 -5.49 0.71 -15.19
N ARG A 51 -4.71 1.73 -14.88
CA ARG A 51 -4.30 2.77 -15.80
C ARG A 51 -3.66 2.13 -17.04
N THR A 52 -2.79 1.17 -16.81
CA THR A 52 -2.17 0.42 -17.86
C THR A 52 -2.97 -0.87 -18.05
N ARG A 53 -3.63 -0.97 -19.17
CA ARG A 53 -4.62 -2.05 -19.36
C ARG A 53 -4.03 -3.37 -19.33
N GLU A 54 -2.79 -3.62 -19.75
CA GLU A 54 -2.29 -4.98 -19.86
C GLU A 54 -2.30 -5.70 -18.53
N LYS A 55 -2.17 -4.98 -17.41
CA LYS A 55 -2.07 -5.66 -16.10
C LYS A 55 -3.49 -6.21 -15.67
N THR A 56 -4.54 -5.83 -16.36
CA THR A 56 -5.87 -6.33 -16.07
C THR A 56 -6.14 -7.67 -16.76
N LYS A 57 -5.24 -8.05 -17.65
CA LYS A 57 -5.43 -9.26 -18.40
C LYS A 57 -5.65 -10.53 -17.64
N PRO A 58 -4.83 -10.81 -16.64
CA PRO A 58 -5.02 -12.05 -15.89
C PRO A 58 -6.35 -12.04 -15.12
N PHE A 59 -6.85 -10.85 -14.79
CA PHE A 59 -8.15 -10.81 -14.18
C PHE A 59 -9.26 -11.00 -15.18
N ALA A 60 -9.20 -10.38 -16.35
CA ALA A 60 -10.17 -10.62 -17.40
C ALA A 60 -10.21 -12.11 -17.77
N GLU A 61 -9.04 -12.76 -17.73
CA GLU A 61 -9.06 -14.22 -18.09
C GLU A 61 -9.76 -15.06 -17.05
N ALA A 62 -10.01 -14.53 -15.84
CA ALA A 62 -10.79 -15.22 -14.84
C ALA A 62 -12.19 -14.58 -14.76
N GLY A 63 -12.66 -13.84 -15.72
CA GLY A 63 -14.00 -13.30 -15.80
C GLY A 63 -14.26 -12.03 -15.02
N VAL A 64 -13.18 -11.42 -14.42
CA VAL A 64 -13.45 -10.15 -13.71
C VAL A 64 -13.76 -9.07 -14.73
N TYR A 65 -14.71 -8.17 -14.44
CA TYR A 65 -15.03 -7.10 -15.36
C TYR A 65 -13.89 -6.06 -15.34
N VAL A 66 -13.44 -5.64 -16.50
CA VAL A 66 -12.40 -4.64 -16.57
C VAL A 66 -12.99 -3.35 -16.94
N ALA A 67 -12.99 -2.37 -15.98
CA ALA A 67 -13.66 -1.13 -16.22
C ALA A 67 -12.88 -0.18 -17.10
N GLU A 68 -13.67 0.69 -17.72
CA GLU A 68 -13.06 1.73 -18.60
C GLU A 68 -12.54 2.93 -17.87
N SER A 69 -12.99 3.08 -16.61
CA SER A 69 -12.57 4.25 -15.80
C SER A 69 -12.96 3.92 -14.37
N PRO A 70 -12.46 4.72 -13.42
CA PRO A 70 -12.89 4.52 -12.00
C PRO A 70 -14.37 4.73 -11.89
N ALA A 71 -15.00 5.68 -12.63
CA ALA A 71 -16.44 5.89 -12.49
C ALA A 71 -17.20 4.63 -13.00
N ASP A 72 -16.69 4.01 -14.09
CA ASP A 72 -17.40 2.85 -14.61
C ASP A 72 -17.28 1.73 -13.66
N LEU A 73 -16.17 1.60 -12.92
CA LEU A 73 -16.01 0.59 -11.89
C LEU A 73 -16.95 0.88 -10.71
N ALA A 74 -17.00 2.14 -10.22
CA ALA A 74 -17.79 2.45 -9.01
C ALA A 74 -19.25 2.25 -9.17
N LYS A 75 -19.80 2.38 -10.34
CA LYS A 75 -21.21 2.14 -10.49
C LYS A 75 -21.61 0.68 -10.38
N ARG A 76 -20.64 -0.24 -10.34
CA ARG A 76 -20.94 -1.65 -10.38
C ARG A 76 -20.63 -2.35 -9.14
N VAL A 77 -20.14 -1.64 -8.07
CA VAL A 77 -19.65 -2.30 -6.92
C VAL A 77 -20.16 -1.61 -5.61
N ASP A 78 -19.91 -2.24 -4.48
CA ASP A 78 -20.30 -1.64 -3.13
C ASP A 78 -19.12 -1.06 -2.44
N VAL A 79 -17.91 -1.55 -2.76
CA VAL A 79 -16.70 -1.22 -2.03
C VAL A 79 -15.65 -0.97 -3.11
N VAL A 80 -14.99 0.20 -3.08
CA VAL A 80 -13.85 0.45 -4.00
C VAL A 80 -12.58 0.45 -3.21
N ILE A 81 -11.64 -0.44 -3.52
CA ILE A 81 -10.33 -0.41 -2.91
C ILE A 81 -9.31 0.21 -3.79
N VAL A 82 -8.53 1.17 -3.29
CA VAL A 82 -7.54 1.92 -4.09
C VAL A 82 -6.20 1.55 -3.55
N MET A 83 -5.29 1.14 -4.50
CA MET A 83 -3.90 0.75 -4.14
C MET A 83 -2.92 1.36 -5.16
N VAL A 84 -3.04 2.67 -5.31
CA VAL A 84 -2.16 3.40 -6.24
C VAL A 84 -1.00 4.01 -5.49
N SER A 85 -0.16 4.80 -6.20
CA SER A 85 1.14 5.16 -5.54
C SER A 85 1.03 6.18 -4.43
N ASP A 86 0.59 7.37 -4.77
CA ASP A 86 0.67 8.52 -3.89
C ASP A 86 -0.64 9.23 -3.81
N ALA A 87 -0.74 10.24 -2.90
CA ALA A 87 -1.98 10.96 -2.65
C ALA A 87 -2.53 11.63 -3.92
N PRO A 88 -1.69 12.28 -4.81
CA PRO A 88 -2.24 12.84 -6.01
C PRO A 88 -2.90 11.81 -6.92
N ASP A 89 -2.31 10.60 -6.95
CA ASP A 89 -2.89 9.50 -7.68
C ASP A 89 -4.26 9.09 -7.15
N VAL A 90 -4.37 9.03 -5.82
CA VAL A 90 -5.70 8.79 -5.18
C VAL A 90 -6.69 9.90 -5.57
N GLU A 91 -6.21 11.16 -5.54
CA GLU A 91 -7.10 12.24 -6.00
C GLU A 91 -7.60 12.09 -7.40
N GLN A 92 -6.69 11.67 -8.30
CA GLN A 92 -7.14 11.53 -9.69
C GLN A 92 -8.23 10.39 -9.81
N VAL A 93 -7.94 9.24 -9.20
CA VAL A 93 -8.87 8.15 -9.33
C VAL A 93 -10.19 8.39 -8.58
N LEU A 94 -10.18 9.20 -7.50
CA LEU A 94 -11.48 9.47 -6.81
C LEU A 94 -12.20 10.64 -7.41
N PHE A 95 -11.46 11.69 -7.80
CA PHE A 95 -12.12 13.03 -8.04
C PHE A 95 -11.86 13.55 -9.46
N GLY A 96 -11.12 12.84 -10.28
CA GLY A 96 -10.94 13.31 -11.68
C GLY A 96 -12.19 13.22 -12.49
N PRO A 97 -12.10 13.67 -13.75
CA PRO A 97 -13.25 13.74 -14.65
C PRO A 97 -14.10 12.50 -14.80
N SER A 98 -13.51 11.33 -14.77
CA SER A 98 -14.18 10.05 -14.79
C SER A 98 -13.75 9.32 -13.52
N GLY A 99 -13.61 10.03 -12.41
CA GLY A 99 -13.22 9.39 -11.11
C GLY A 99 -14.39 8.65 -10.43
N VAL A 100 -14.02 7.97 -9.35
CA VAL A 100 -15.05 7.25 -8.57
C VAL A 100 -16.32 8.12 -8.29
N VAL A 101 -16.15 9.36 -7.93
CA VAL A 101 -17.35 10.13 -7.51
C VAL A 101 -18.28 10.36 -8.70
N GLU A 102 -17.85 10.22 -9.95
CA GLU A 102 -18.75 10.40 -11.08
C GLU A 102 -19.57 9.20 -11.37
N GLY A 103 -19.28 8.04 -10.79
CA GLY A 103 -20.09 6.85 -10.98
C GLY A 103 -20.69 6.27 -9.71
N ALA A 104 -20.15 6.66 -8.54
CA ALA A 104 -20.67 5.99 -7.30
C ALA A 104 -22.11 6.43 -6.93
N ARG A 105 -22.84 5.52 -6.35
CA ARG A 105 -24.11 5.80 -5.68
C ARG A 105 -23.85 6.05 -4.19
N PRO A 106 -24.63 6.88 -3.53
CA PRO A 106 -24.46 7.05 -2.10
C PRO A 106 -24.50 5.72 -1.35
N GLY A 107 -23.63 5.57 -0.38
CA GLY A 107 -23.51 4.34 0.34
C GLY A 107 -22.36 3.48 -0.10
N LEU A 108 -21.78 3.79 -1.26
CA LEU A 108 -20.53 3.10 -1.58
C LEU A 108 -19.51 3.40 -0.52
N ILE A 109 -18.56 2.49 -0.32
CA ILE A 109 -17.47 2.69 0.58
C ILE A 109 -16.18 2.72 -0.21
N VAL A 110 -15.34 3.70 -0.01
CA VAL A 110 -13.97 3.76 -0.61
C VAL A 110 -13.05 3.32 0.52
N VAL A 111 -12.09 2.42 0.23
CA VAL A 111 -11.03 2.06 1.15
C VAL A 111 -9.74 2.40 0.47
N ASP A 112 -8.94 3.36 1.03
CA ASP A 112 -7.64 3.65 0.47
C ASP A 112 -6.68 2.84 1.20
N MET A 113 -6.02 1.85 0.49
CA MET A 113 -5.04 0.97 1.10
C MET A 113 -3.60 1.36 0.77
N SER A 114 -3.50 2.47 0.03
CA SER A 114 -2.13 3.03 -0.30
C SER A 114 -1.65 3.84 0.91
N THR A 115 -0.39 4.23 0.88
CA THR A 115 0.16 5.01 1.96
C THR A 115 0.23 6.47 1.61
N ASN A 116 -0.26 7.32 2.48
CA ASN A 116 -0.15 8.80 2.36
C ASN A 116 -0.08 9.46 3.72
N SER A 117 -1.08 10.09 4.24
CA SER A 117 -0.93 10.75 5.57
C SER A 117 -2.25 10.89 6.24
N PRO A 118 -2.28 11.17 7.51
CA PRO A 118 -3.57 11.42 8.17
C PRO A 118 -4.36 12.58 7.59
N ASP A 119 -3.65 13.63 7.21
CA ASP A 119 -4.26 14.81 6.62
C ASP A 119 -4.95 14.51 5.27
N TRP A 120 -4.27 13.75 4.45
CA TRP A 120 -4.82 13.32 3.22
C TRP A 120 -6.02 12.40 3.42
N ALA A 121 -5.92 11.46 4.38
CA ALA A 121 -7.09 10.57 4.63
C ALA A 121 -8.34 11.41 5.00
N ARG A 122 -8.08 12.42 5.91
CA ARG A 122 -9.24 13.23 6.31
C ARG A 122 -9.82 14.08 5.19
N LYS A 123 -8.89 14.59 4.31
CA LYS A 123 -9.37 15.31 3.15
C LYS A 123 -10.20 14.45 2.18
N PHE A 124 -9.65 13.21 1.94
CA PHE A 124 -10.46 12.33 1.04
C PHE A 124 -11.84 12.05 1.64
N ALA A 125 -11.85 11.76 2.96
CA ALA A 125 -13.14 11.46 3.59
C ALA A 125 -14.12 12.62 3.53
N GLU A 126 -13.56 13.82 3.74
CA GLU A 126 -14.46 15.00 3.72
C GLU A 126 -15.04 15.23 2.32
N ARG A 127 -14.22 15.10 1.29
CA ARG A 127 -14.66 15.29 -0.05
C ARG A 127 -15.64 14.21 -0.49
N LEU A 128 -15.36 12.94 -0.16
CA LEU A 128 -16.28 11.89 -0.52
C LEU A 128 -17.63 12.00 0.22
N ALA A 129 -17.61 12.51 1.44
CA ALA A 129 -18.91 12.57 2.22
C ALA A 129 -19.83 13.61 1.55
N GLN A 130 -19.35 14.52 0.76
CA GLN A 130 -20.26 15.39 -0.01
C GLN A 130 -21.13 14.65 -0.99
N TYR A 131 -20.68 13.46 -1.46
CA TYR A 131 -21.36 12.57 -2.38
C TYR A 131 -22.10 11.42 -1.68
N GLY A 132 -22.09 11.35 -0.32
CA GLY A 132 -22.67 10.32 0.43
C GLY A 132 -21.88 9.01 0.34
N ILE A 133 -20.59 9.18 0.07
CA ILE A 133 -19.62 8.06 0.01
C ILE A 133 -18.82 7.94 1.28
N GLU A 134 -18.72 6.71 1.82
CA GLU A 134 -17.97 6.41 3.04
C GLU A 134 -16.50 6.21 2.81
N PHE A 135 -15.65 6.29 3.81
CA PHE A 135 -14.18 6.17 3.55
C PHE A 135 -13.51 5.55 4.70
N LEU A 136 -12.62 4.61 4.43
CA LEU A 136 -11.61 4.14 5.39
C LEU A 136 -10.22 4.26 4.83
N ASP A 137 -9.25 4.59 5.66
CA ASP A 137 -7.80 4.47 5.31
C ASP A 137 -7.34 3.23 5.94
N ALA A 138 -6.83 2.27 5.10
CA ALA A 138 -6.39 0.99 5.56
C ALA A 138 -5.07 0.57 4.90
N PRO A 139 -3.99 1.32 5.18
CA PRO A 139 -2.69 0.93 4.64
C PRO A 139 -2.18 -0.32 5.26
N VAL A 140 -1.13 -0.91 4.65
CA VAL A 140 -0.73 -2.24 4.96
C VAL A 140 0.78 -2.36 5.12
N THR A 141 1.19 -3.33 5.90
CA THR A 141 2.65 -3.65 5.94
C THR A 141 2.78 -5.15 5.83
N GLY A 142 3.98 -5.56 5.45
CA GLY A 142 4.31 -6.95 5.15
C GLY A 142 4.94 -7.12 3.80
N GLY A 143 4.96 -6.08 2.97
CA GLY A 143 5.72 -6.17 1.73
C GLY A 143 4.99 -6.95 0.67
N GLN A 144 5.67 -7.04 -0.47
CA GLN A 144 5.17 -7.83 -1.59
C GLN A 144 4.97 -9.30 -1.17
N LYS A 145 5.89 -9.86 -0.31
CA LYS A 145 5.73 -11.22 0.16
C LYS A 145 4.43 -11.36 0.95
N GLY A 146 4.14 -10.41 1.83
CA GLY A 146 2.87 -10.48 2.60
C GLY A 146 1.69 -10.38 1.68
N ALA A 147 1.72 -9.51 0.65
CA ALA A 147 0.62 -9.44 -0.25
C ALA A 147 0.36 -10.77 -0.95
N ILE A 148 1.45 -11.36 -1.47
CA ILE A 148 1.34 -12.65 -2.16
C ILE A 148 0.82 -13.73 -1.18
N GLU A 149 1.31 -13.77 0.01
CA GLU A 149 0.90 -14.84 0.96
C GLU A 149 -0.43 -14.55 1.63
N GLY A 150 -0.98 -13.34 1.46
CA GLY A 150 -2.25 -12.99 2.21
C GLY A 150 -2.04 -12.79 3.64
N THR A 151 -0.88 -12.40 4.12
CA THR A 151 -0.61 -12.29 5.54
C THR A 151 -0.33 -10.85 5.99
N LEU A 152 -0.70 -9.90 5.10
CA LEU A 152 -0.51 -8.45 5.42
C LEU A 152 -1.05 -8.08 6.82
N THR A 153 -0.31 -7.16 7.45
CA THR A 153 -0.92 -6.49 8.62
C THR A 153 -1.57 -5.19 8.13
N ILE A 154 -2.84 -5.04 8.39
CA ILE A 154 -3.66 -3.97 7.84
C ILE A 154 -4.13 -3.08 8.96
N MET A 155 -3.87 -1.81 8.89
CA MET A 155 -4.10 -0.86 9.97
C MET A 155 -5.09 0.16 9.53
N VAL A 156 -6.24 0.25 10.22
CA VAL A 156 -7.43 0.87 9.65
C VAL A 156 -7.91 2.07 10.46
N GLY A 157 -8.20 3.15 9.74
CA GLY A 157 -8.89 4.31 10.35
C GLY A 157 -10.23 4.52 9.68
N GLY A 158 -11.21 4.92 10.48
CA GLY A 158 -12.58 5.26 10.05
C GLY A 158 -13.68 4.85 11.01
N LYS A 159 -14.93 4.78 10.57
CA LYS A 159 -16.03 4.31 11.41
C LYS A 159 -15.83 2.90 11.84
N GLU A 160 -15.80 2.68 13.14
CA GLU A 160 -15.65 1.33 13.63
C GLU A 160 -16.70 0.32 13.08
N GLU A 161 -17.92 0.76 12.89
CA GLU A 161 -18.94 -0.05 12.28
C GLU A 161 -18.52 -0.55 10.90
N LEU A 162 -17.86 0.29 10.14
CA LEU A 162 -17.43 -0.10 8.80
C LEU A 162 -16.22 -1.00 8.82
N PHE A 163 -15.33 -0.80 9.76
CA PHE A 163 -14.26 -1.76 9.99
C PHE A 163 -14.82 -3.14 10.20
N HIS A 164 -15.82 -3.25 11.04
CA HIS A 164 -16.43 -4.51 11.29
C HIS A 164 -17.15 -5.05 10.06
N ARG A 165 -17.87 -4.21 9.34
CA ARG A 165 -18.60 -4.67 8.15
C ARG A 165 -17.55 -5.22 7.10
N LEU A 166 -16.40 -4.63 7.00
CA LEU A 166 -15.43 -5.01 5.98
C LEU A 166 -14.42 -6.02 6.45
N LEU A 167 -14.51 -6.49 7.69
CA LEU A 167 -13.52 -7.42 8.17
C LEU A 167 -13.36 -8.67 7.26
N PRO A 168 -14.42 -9.20 6.66
CA PRO A 168 -14.17 -10.41 5.82
C PRO A 168 -13.29 -10.06 4.59
N ILE A 169 -13.50 -8.84 4.08
CA ILE A 169 -12.68 -8.40 2.92
C ILE A 169 -11.23 -8.22 3.38
N PHE A 170 -10.96 -7.53 4.50
CA PHE A 170 -9.63 -7.39 5.00
C PHE A 170 -8.97 -8.75 5.32
N LYS A 171 -9.71 -9.71 5.89
CA LYS A 171 -9.13 -11.07 6.15
C LYS A 171 -8.83 -11.87 4.91
N ALA A 172 -9.39 -11.49 3.76
CA ALA A 172 -8.97 -12.21 2.51
C ALA A 172 -7.60 -11.77 2.12
N MET A 173 -7.15 -10.54 2.43
CA MET A 173 -5.86 -10.02 2.04
C MET A 173 -4.78 -10.09 3.10
N GLY A 174 -5.21 -10.16 4.41
CA GLY A 174 -4.29 -10.02 5.49
C GLY A 174 -4.54 -10.98 6.64
N ARG A 175 -3.69 -10.91 7.59
CA ARG A 175 -3.84 -11.78 8.82
C ARG A 175 -4.15 -10.90 10.02
N ASP A 176 -3.22 -10.13 10.51
CA ASP A 176 -3.51 -9.20 11.60
C ASP A 176 -4.19 -7.91 11.11
N ILE A 177 -5.45 -7.76 11.47
CA ILE A 177 -6.25 -6.63 11.02
C ILE A 177 -6.47 -5.76 12.23
N VAL A 178 -5.98 -4.56 12.26
CA VAL A 178 -5.98 -3.74 13.51
C VAL A 178 -6.77 -2.51 13.31
N TYR A 179 -7.78 -2.21 14.08
CA TYR A 179 -8.51 -0.98 14.05
C TYR A 179 -7.78 0.05 14.84
N MET A 180 -7.32 1.13 14.17
CA MET A 180 -6.52 2.12 14.88
C MET A 180 -7.30 3.24 15.44
N GLY A 181 -8.45 3.61 14.91
CA GLY A 181 -9.18 4.74 15.31
C GLY A 181 -9.89 5.45 14.19
N PRO A 182 -10.29 6.70 14.30
CA PRO A 182 -10.99 7.51 13.34
C PRO A 182 -10.21 7.68 12.03
N VAL A 183 -10.92 8.26 11.06
CA VAL A 183 -10.17 8.57 9.75
C VAL A 183 -8.83 9.17 9.99
N GLY A 184 -7.84 8.63 9.28
CA GLY A 184 -6.50 9.08 9.37
C GLY A 184 -5.61 8.37 10.33
N TYR A 185 -6.20 7.61 11.23
CA TYR A 185 -5.45 6.84 12.19
C TYR A 185 -4.75 5.59 11.60
N GLY A 186 -5.26 5.09 10.48
CA GLY A 186 -4.51 4.04 9.74
C GLY A 186 -3.27 4.59 9.09
N GLN A 187 -3.42 5.69 8.41
CA GLN A 187 -2.21 6.43 7.89
C GLN A 187 -1.25 6.85 8.98
N ALA A 188 -1.78 7.25 10.15
CA ALA A 188 -0.85 7.61 11.23
C ALA A 188 -0.03 6.49 11.70
N MET A 189 -0.64 5.32 11.88
CA MET A 189 0.11 4.13 12.21
C MET A 189 1.09 3.75 11.15
N MET A 190 0.71 3.91 9.90
CA MET A 190 1.62 3.61 8.81
C MET A 190 2.84 4.54 8.75
N LEU A 191 2.66 5.80 9.08
CA LEU A 191 3.81 6.68 9.14
C LEU A 191 4.81 6.29 10.25
N VAL A 192 4.30 5.87 11.38
CA VAL A 192 5.11 5.26 12.41
C VAL A 192 5.82 4.00 11.89
N ASN A 193 5.07 3.10 11.27
CA ASN A 193 5.67 1.95 10.69
C ASN A 193 6.75 2.28 9.71
N GLN A 194 6.55 3.29 8.84
CA GLN A 194 7.53 3.60 7.80
C GLN A 194 8.80 4.29 8.37
N VAL A 195 8.73 4.98 9.49
CA VAL A 195 9.95 5.46 10.22
C VAL A 195 10.78 4.25 10.53
N VAL A 196 10.12 3.19 11.10
CA VAL A 196 10.88 2.04 11.51
C VAL A 196 11.43 1.26 10.34
N VAL A 197 10.58 1.02 9.30
CA VAL A 197 11.04 0.30 8.16
C VAL A 197 12.21 1.06 7.51
N ALA A 198 12.10 2.39 7.34
CA ALA A 198 13.19 3.10 6.64
C ALA A 198 14.53 2.91 7.41
N LEU A 199 14.49 3.11 8.73
CA LEU A 199 15.74 3.06 9.49
C LEU A 199 16.24 1.64 9.66
N ASN A 200 15.37 0.64 9.72
CA ASN A 200 15.77 -0.76 9.72
C ASN A 200 16.45 -1.08 8.36
N THR A 201 15.99 -0.46 7.27
CA THR A 201 16.59 -0.74 5.94
C THR A 201 17.94 -0.09 5.83
N VAL A 202 18.07 1.18 6.32
CA VAL A 202 19.36 1.87 6.30
C VAL A 202 20.32 1.04 7.23
N ALA A 203 19.83 0.49 8.36
CA ALA A 203 20.63 -0.38 9.21
C ALA A 203 21.21 -1.55 8.42
N MET A 204 20.39 -2.26 7.67
CA MET A 204 20.84 -3.37 6.91
C MET A 204 21.89 -2.96 5.87
N VAL A 205 21.59 -1.91 5.08
CA VAL A 205 22.47 -1.57 3.99
C VAL A 205 23.77 -1.10 4.56
N GLU A 206 23.84 -0.35 5.67
CA GLU A 206 25.14 0.09 6.23
C GLU A 206 25.91 -1.08 6.87
N GLY A 207 25.18 -2.01 7.49
CA GLY A 207 25.88 -3.21 8.02
C GLY A 207 26.48 -3.97 6.87
N LEU A 208 25.77 -4.15 5.71
CA LEU A 208 26.35 -4.89 4.59
C LEU A 208 27.49 -4.18 3.99
N LYS A 209 27.38 -2.83 3.85
CA LYS A 209 28.53 -2.08 3.28
C LYS A 209 29.74 -2.31 4.18
N LEU A 210 29.61 -2.32 5.50
CA LEU A 210 30.76 -2.49 6.35
C LEU A 210 31.24 -3.95 6.24
N ALA A 211 30.34 -4.93 6.14
CA ALA A 211 30.76 -6.32 6.13
C ALA A 211 31.50 -6.55 4.86
N LYS A 212 31.07 -6.01 3.71
CA LYS A 212 31.80 -6.23 2.46
C LYS A 212 33.18 -5.51 2.52
N ALA A 213 33.28 -4.32 3.07
CA ALA A 213 34.57 -3.67 3.24
C ALA A 213 35.48 -4.49 4.17
N LEU A 214 34.98 -5.17 5.17
CA LEU A 214 35.81 -5.98 6.09
C LEU A 214 36.14 -7.35 5.46
N GLY A 215 35.64 -7.69 4.31
CA GLY A 215 35.91 -8.98 3.70
C GLY A 215 35.29 -10.14 4.42
N LEU A 216 34.14 -9.99 5.04
CA LEU A 216 33.59 -11.14 5.74
C LEU A 216 32.82 -12.09 4.87
N ASP A 217 32.70 -13.33 5.33
CA ASP A 217 31.95 -14.36 4.53
C ASP A 217 30.52 -14.03 4.66
N MET A 218 29.87 -13.69 3.53
CA MET A 218 28.47 -13.35 3.49
C MET A 218 27.50 -14.38 3.97
N ASP A 219 27.85 -15.66 3.85
CA ASP A 219 27.01 -16.72 4.44
C ASP A 219 26.90 -16.57 5.95
N LYS A 220 28.05 -16.29 6.56
CA LYS A 220 28.07 -16.16 8.02
C LYS A 220 27.51 -14.81 8.46
N VAL A 221 27.70 -13.77 7.66
CA VAL A 221 27.10 -12.45 8.00
C VAL A 221 25.63 -12.63 7.99
N ALA A 222 25.08 -13.32 6.95
CA ALA A 222 23.60 -13.47 6.92
C ALA A 222 23.10 -14.31 8.08
N GLU A 223 23.87 -15.35 8.46
CA GLU A 223 23.47 -16.15 9.60
C GLU A 223 23.42 -15.31 10.86
N VAL A 224 24.44 -14.49 11.16
CA VAL A 224 24.50 -13.77 12.40
C VAL A 224 23.38 -12.69 12.43
N LEU A 225 23.20 -12.01 11.30
CA LEU A 225 22.25 -10.90 11.27
C LEU A 225 20.81 -11.38 11.24
N THR A 226 20.62 -12.57 10.79
CA THR A 226 19.27 -12.96 10.73
C THR A 226 18.76 -13.25 12.08
N ARG A 227 19.54 -12.93 13.20
CA ARG A 227 19.31 -13.12 14.68
C ARG A 227 19.56 -11.96 15.73
N GLY A 228 19.26 -12.19 17.01
CA GLY A 228 19.14 -11.18 18.03
C GLY A 228 20.09 -10.01 18.04
N ALA A 229 19.67 -8.81 18.40
CA ALA A 229 18.46 -8.07 18.03
C ALA A 229 18.72 -7.21 16.81
N ALA A 230 19.76 -7.64 16.08
CA ALA A 230 20.08 -7.13 14.77
C ALA A 230 19.01 -7.59 13.78
N ARG A 231 18.44 -8.75 14.07
CA ARG A 231 17.46 -9.29 13.12
C ARG A 231 16.27 -8.32 12.88
N SER A 232 15.77 -8.22 11.65
CA SER A 232 14.58 -7.33 11.44
C SER A 232 13.77 -7.92 10.28
N GLY A 233 12.53 -7.44 10.17
CA GLY A 233 11.68 -7.69 8.91
C GLY A 233 12.48 -7.27 7.64
N ALA A 234 13.14 -6.14 7.57
CA ALA A 234 13.81 -5.69 6.43
C ALA A 234 14.94 -6.71 6.01
N ILE A 235 15.69 -7.26 6.97
CA ILE A 235 16.67 -8.32 6.72
C ILE A 235 15.99 -9.59 6.26
N GLU A 236 14.90 -10.00 6.89
CA GLU A 236 14.28 -11.21 6.45
C GLU A 236 13.66 -11.07 5.10
N LEU A 237 13.07 -9.94 4.72
CA LEU A 237 12.39 -9.77 3.43
C LEU A 237 13.36 -9.53 2.30
N TYR A 238 14.46 -8.82 2.55
CA TYR A 238 15.29 -8.28 1.48
C TYR A 238 16.76 -8.69 1.47
N LEU A 239 17.31 -9.19 2.57
CA LEU A 239 18.74 -9.47 2.54
C LEU A 239 19.00 -10.59 1.55
N PRO A 240 18.20 -11.59 1.33
CA PRO A 240 18.59 -12.63 0.29
C PRO A 240 18.56 -12.02 -1.10
N LYS A 241 17.63 -11.14 -1.45
CA LYS A 241 17.72 -10.44 -2.73
C LYS A 241 18.91 -9.57 -2.82
N LEU A 242 19.29 -8.82 -1.81
CA LEU A 242 20.42 -7.96 -1.87
C LEU A 242 21.70 -8.71 -2.10
N LEU A 243 21.86 -9.83 -1.40
CA LEU A 243 23.12 -10.64 -1.55
C LEU A 243 23.22 -11.21 -2.94
N LYS A 244 22.09 -11.46 -3.61
CA LYS A 244 22.08 -11.93 -5.03
C LYS A 244 22.21 -10.82 -6.01
N GLY A 245 22.33 -9.57 -5.61
CA GLY A 245 22.32 -8.40 -6.48
C GLY A 245 21.00 -8.18 -7.19
N ASP A 246 19.89 -8.70 -6.64
CA ASP A 246 18.55 -8.45 -7.20
C ASP A 246 18.01 -7.15 -6.58
N LEU A 247 18.09 -6.08 -7.32
CA LEU A 247 17.76 -4.76 -6.79
C LEU A 247 16.29 -4.43 -7.11
N SER A 248 15.53 -5.33 -7.65
CA SER A 248 14.11 -5.01 -8.01
C SER A 248 13.17 -4.85 -6.75
N PRO A 249 12.16 -4.03 -6.90
CA PRO A 249 11.12 -4.05 -5.86
C PRO A 249 10.33 -5.29 -5.91
N GLY A 250 9.76 -5.77 -4.76
CA GLY A 250 9.94 -5.14 -3.46
C GLY A 250 9.13 -3.87 -3.24
N PHE A 251 9.78 -2.91 -2.64
CA PHE A 251 9.13 -1.64 -2.28
C PHE A 251 9.98 -0.55 -2.93
N LYS A 252 9.32 0.17 -3.84
CA LYS A 252 10.18 1.20 -4.60
C LYS A 252 10.68 2.31 -3.69
N ALA A 253 11.93 2.70 -3.98
CA ALA A 253 12.56 3.77 -3.25
C ALA A 253 11.79 5.09 -3.37
N GLU A 254 11.22 5.39 -4.53
CA GLU A 254 10.39 6.59 -4.63
C GLU A 254 9.18 6.60 -3.73
N HIS A 255 8.63 5.45 -3.45
CA HIS A 255 7.51 5.39 -2.55
C HIS A 255 7.91 5.55 -1.07
N LEU A 256 9.07 5.05 -0.67
CA LEU A 256 9.54 5.31 0.63
C LEU A 256 9.93 6.79 0.81
N LYS A 257 10.51 7.39 -0.25
CA LYS A 257 10.77 8.84 -0.14
C LYS A 257 9.50 9.61 0.13
N LYS A 258 8.44 9.29 -0.60
CA LYS A 258 7.16 9.91 -0.45
C LYS A 258 6.65 9.70 1.01
N ASP A 259 6.76 8.48 1.48
CA ASP A 259 6.25 8.21 2.85
C ASP A 259 7.04 9.04 3.86
N LEU A 260 8.34 9.14 3.71
CA LEU A 260 9.18 9.90 4.66
C LEU A 260 8.85 11.41 4.55
N GLY A 261 8.51 11.86 3.35
CA GLY A 261 8.09 13.29 3.31
C GLY A 261 6.90 13.54 4.18
N TYR A 262 5.89 12.60 4.13
CA TYR A 262 4.75 12.78 5.02
C TYR A 262 5.08 12.62 6.46
N VAL A 263 5.97 11.70 6.81
CA VAL A 263 6.47 11.59 8.20
C VAL A 263 7.03 12.96 8.66
N LEU A 264 7.92 13.57 7.84
CA LEU A 264 8.57 14.81 8.31
C LEU A 264 7.56 15.96 8.43
N GLU A 265 6.58 16.00 7.54
CA GLU A 265 5.52 17.03 7.61
C GLU A 265 4.76 16.85 8.88
N GLU A 266 4.38 15.62 9.25
CA GLU A 266 3.65 15.43 10.46
C GLU A 266 4.51 15.72 11.71
N ALA A 267 5.83 15.37 11.65
CA ALA A 267 6.74 15.63 12.79
C ALA A 267 6.88 17.12 12.96
N ARG A 268 6.95 17.88 11.91
CA ARG A 268 7.12 19.35 12.06
C ARG A 268 5.86 19.89 12.61
N LYS A 269 4.69 19.47 12.11
CA LYS A 269 3.37 19.91 12.67
C LYS A 269 3.25 19.72 14.16
N ARG A 270 3.74 18.58 14.62
CA ARG A 270 3.75 18.23 16.04
C ARG A 270 4.93 18.64 16.90
N GLY A 271 5.94 19.27 16.37
CA GLY A 271 7.06 19.75 17.14
C GLY A 271 7.97 18.61 17.57
N VAL A 272 7.96 17.49 16.85
CA VAL A 272 8.92 16.40 17.15
C VAL A 272 10.09 16.39 16.16
N LYS A 273 11.29 16.18 16.73
CA LYS A 273 12.50 16.14 15.88
C LYS A 273 12.85 14.64 15.70
N LEU A 274 13.01 14.28 14.43
CA LEU A 274 13.32 12.86 14.02
C LEU A 274 14.53 12.91 13.11
N PRO A 275 15.75 13.03 13.69
CA PRO A 275 16.90 13.19 12.87
C PRO A 275 17.19 11.97 11.99
N GLY A 276 16.88 10.77 12.53
CA GLY A 276 17.06 9.58 11.67
C GLY A 276 16.12 9.50 10.47
N ALA A 277 14.88 9.82 10.72
CA ALA A 277 13.95 9.90 9.56
C ALA A 277 14.36 10.99 8.57
N GLU A 278 14.90 12.11 9.09
CA GLU A 278 15.34 13.20 8.17
C GLU A 278 16.49 12.70 7.24
N LEU A 279 17.46 11.96 7.92
CA LEU A 279 18.60 11.40 7.14
C LEU A 279 18.10 10.40 6.12
N ALA A 280 17.18 9.50 6.53
CA ALA A 280 16.62 8.54 5.60
C ALA A 280 15.91 9.20 4.41
N TYR A 281 15.16 10.24 4.75
CA TYR A 281 14.56 11.02 3.61
C TYR A 281 15.62 11.55 2.62
N GLU A 282 16.68 12.13 3.21
CA GLU A 282 17.75 12.68 2.34
C GLU A 282 18.38 11.61 1.47
N LEU A 283 18.61 10.43 2.11
CA LEU A 283 19.23 9.32 1.35
C LEU A 283 18.35 8.85 0.22
N TYR A 284 17.06 8.62 0.55
CA TYR A 284 16.16 8.15 -0.51
C TYR A 284 15.78 9.24 -1.57
N ARG A 285 15.77 10.52 -1.10
CA ARG A 285 15.66 11.62 -2.07
C ARG A 285 16.82 11.56 -3.04
N LYS A 286 18.07 11.40 -2.55
CA LYS A 286 19.17 11.29 -3.50
C LYS A 286 19.05 10.11 -4.42
N MET A 287 18.57 8.95 -3.88
CA MET A 287 18.36 7.81 -4.74
C MET A 287 17.38 8.02 -5.89
N VAL A 288 16.29 8.72 -5.59
CA VAL A 288 15.37 9.12 -6.71
C VAL A 288 16.05 10.10 -7.72
N GLU A 289 16.71 11.11 -7.12
CA GLU A 289 17.41 12.09 -8.07
C GLU A 289 18.43 11.34 -8.93
N ASP A 290 19.08 10.29 -8.45
CA ASP A 290 20.05 9.55 -9.23
C ASP A 290 19.51 8.63 -10.20
N GLY A 291 18.18 8.51 -10.30
CA GLY A 291 17.54 7.68 -11.23
C GLY A 291 17.15 6.30 -10.84
N ALA A 292 17.31 6.01 -9.51
CA ALA A 292 17.05 4.64 -8.97
C ALA A 292 15.72 4.63 -8.16
N GLY A 293 14.76 5.57 -8.41
CA GLY A 293 13.47 5.58 -7.65
C GLY A 293 12.68 4.35 -7.90
N SER A 294 12.84 3.62 -8.97
CA SER A 294 12.05 2.42 -9.20
C SER A 294 12.76 1.16 -8.75
N LEU A 295 13.93 1.28 -8.12
CA LEU A 295 14.58 0.07 -7.51
C LEU A 295 14.00 -0.14 -6.13
N GLY A 296 14.18 -1.34 -5.61
CA GLY A 296 13.77 -1.60 -4.19
C GLY A 296 14.54 -0.76 -3.17
N ILE A 297 13.94 -0.52 -2.00
CA ILE A 297 14.55 0.29 -0.97
C ILE A 297 15.83 -0.37 -0.46
N HIS A 298 15.94 -1.67 -0.64
CA HIS A 298 17.12 -2.41 -0.20
C HIS A 298 18.33 -2.16 -1.10
N ALA A 299 18.10 -1.49 -2.23
CA ALA A 299 19.26 -1.21 -3.15
C ALA A 299 19.92 0.07 -2.71
N LEU A 300 19.44 0.83 -1.73
CA LEU A 300 20.15 2.00 -1.24
C LEU A 300 21.62 1.67 -0.97
N GLY A 301 22.51 2.55 -1.39
CA GLY A 301 23.92 2.17 -1.07
C GLY A 301 24.54 1.18 -2.04
N PHE A 302 23.78 0.54 -2.91
CA PHE A 302 24.29 -0.45 -3.83
C PHE A 302 23.95 -0.20 -5.31
N TYR A 303 23.18 0.82 -5.55
CA TYR A 303 22.70 1.15 -6.88
C TYR A 303 23.75 1.93 -7.72
PA NAP B . 3.55 0.02 -7.81
O1A NAP B . 4.40 1.21 -8.26
O2A NAP B . 4.00 -1.40 -8.09
O5B NAP B . 2.08 0.13 -8.39
C5B NAP B . 1.41 1.45 -8.35
C4B NAP B . 0.07 1.14 -8.96
O4B NAP B . -0.65 2.45 -8.90
C3B NAP B . 0.05 0.70 -10.40
O3B NAP B . -1.15 -0.14 -10.55
C2B NAP B . -0.15 2.00 -11.10
O2B NAP B . -0.73 1.92 -12.41
C1B NAP B . -1.18 2.71 -10.22
N9A NAP B . -1.16 4.17 -10.37
C8A NAP B . -0.13 5.05 -9.97
N7A NAP B . -0.47 6.31 -10.25
C5A NAP B . -1.73 6.27 -10.77
C6A NAP B . -2.63 7.21 -11.31
N6A NAP B . -2.39 8.56 -11.26
N1A NAP B . -3.79 6.80 -11.77
C2A NAP B . -4.13 5.48 -11.81
N3A NAP B . -3.30 4.53 -11.36
C4A NAP B . -2.09 4.92 -10.89
O3 NAP B . 3.42 0.25 -6.26
PN NAP B . 3.03 -0.74 -5.00
O1N NAP B . 4.32 -1.28 -4.45
O2N NAP B . 1.92 -1.67 -5.43
O5D NAP B . 2.53 0.32 -3.94
C5D NAP B . 1.15 0.77 -3.96
C4D NAP B . 0.97 1.58 -2.69
O4D NAP B . 1.23 0.66 -1.56
C3D NAP B . 1.99 2.65 -2.43
O3D NAP B . 1.31 3.78 -1.70
C2D NAP B . 3.03 2.06 -1.54
O2D NAP B . 3.80 3.03 -0.75
C1D NAP B . 2.22 1.10 -0.61
N1N NAP B . 2.92 -0.07 -0.14
C2N NAP B . 3.81 -0.77 -0.88
C3N NAP B . 4.47 -1.84 -0.33
C7N NAP B . 5.54 -2.68 -1.01
O7N NAP B . 6.28 -3.35 -0.35
N7N NAP B . 5.56 -2.63 -2.33
C4N NAP B . 4.15 -2.29 0.99
C5N NAP B . 3.11 -1.57 1.68
C6N NAP B . 2.53 -0.50 1.07
P2B NAP B . 0.18 1.37 -13.68
O1X NAP B . -0.48 1.98 -14.84
O2X NAP B . 1.62 1.91 -13.48
O3X NAP B . 0.09 -0.12 -13.64
#